data_1E4F
#
_entry.id   1E4F
#
_cell.length_a   47.620
_cell.length_b   53.520
_cell.length_c   78.310
_cell.angle_alpha   90.00
_cell.angle_beta   93.44
_cell.angle_gamma   90.00
#
_symmetry.space_group_name_H-M   'P 1 21 1'
#
loop_
_entity.id
_entity.type
_entity.pdbx_description
1 polymer 'CELL DIVISION PROTEIN FTSA'
2 water water
#
_entity_poly.entity_id   1
_entity_poly.type   'polypeptide(L)'
_entity_poly.pdbx_seq_one_letter_code
;MIDLSKTVFYTSIDIGSRYIKGLVLGKRDQEWEALAFSSVKSRGLDEGEIKDAIAFKESVNTLLKELEEQLQKSLRSDFV
ISFSSVSFEREDTVIERDFGEEKRSITLDILSEMQSEALEKLKENGKTPLHIFSKRYLLDDERIVFNPLDMKASKIAIEY
TSIVVPLKVYEMFYNFLQDTVKSPFQLKSSLVSTAEGVLTTPEKDRGVVVVNLGYNFTGLIAYKNGVPIKISYVPVGMKH
VIKDVSAVLDTSFEESERLIITHGNAVYNDLKEEEIQYRGLDGNTIKTTTAKKLSVIIHARLREIMSKSKKFFREVEAKI
VEEGEIGIPGGVVLTGGGAKIPRINELATEVFKSPVRTGCYANSDRPSIINADEVANDPSFAAAFGNVFAVSENPYEETP
VKSENPLKKIFRLFKELME
;
_entity_poly.pdbx_strand_id   T
#
# COMPACT_ATOMS: atom_id res chain seq x y z
N THR A 7 -15.50 11.81 -20.84
CA THR A 7 -14.56 10.80 -20.29
C THR A 7 -13.76 11.38 -19.13
N VAL A 8 -13.86 10.75 -17.97
CA VAL A 8 -13.14 11.21 -16.79
C VAL A 8 -11.84 10.43 -16.62
N PHE A 9 -10.76 11.17 -16.36
CA PHE A 9 -9.45 10.56 -16.17
C PHE A 9 -9.09 10.48 -14.70
N TYR A 10 -8.59 9.32 -14.28
CA TYR A 10 -8.21 9.12 -12.90
C TYR A 10 -6.72 8.78 -12.81
N THR A 11 -5.92 9.81 -12.60
CA THR A 11 -4.47 9.69 -12.49
C THR A 11 -4.11 9.18 -11.10
N SER A 12 -3.21 8.20 -11.04
CA SER A 12 -2.78 7.63 -9.78
C SER A 12 -1.28 7.34 -9.75
N ILE A 13 -0.62 7.74 -8.68
CA ILE A 13 0.79 7.45 -8.57
C ILE A 13 1.05 6.87 -7.21
N ASP A 14 1.89 5.85 -7.18
CA ASP A 14 2.24 5.17 -5.95
C ASP A 14 3.74 5.30 -5.76
N ILE A 15 4.15 6.05 -4.74
CA ILE A 15 5.56 6.27 -4.45
C ILE A 15 6.14 5.15 -3.59
N GLY A 16 7.00 4.33 -4.21
CA GLY A 16 7.63 3.24 -3.49
C GLY A 16 9.08 3.55 -3.18
N SER A 17 9.73 2.69 -2.41
CA SER A 17 11.13 2.92 -2.05
C SER A 17 12.08 2.71 -3.22
N ARG A 18 11.69 1.91 -4.21
CA ARG A 18 12.56 1.71 -5.36
C ARG A 18 11.94 2.19 -6.66
N TYR A 19 10.62 2.14 -6.74
CA TYR A 19 9.95 2.58 -7.96
C TYR A 19 8.72 3.43 -7.66
N ILE A 20 8.45 4.37 -8.55
CA ILE A 20 7.27 5.21 -8.45
C ILE A 20 6.41 4.68 -9.59
N LYS A 21 5.21 4.20 -9.26
CA LYS A 21 4.34 3.68 -10.30
C LYS A 21 3.31 4.71 -10.69
N GLY A 22 2.93 4.71 -11.96
CA GLY A 22 1.93 5.65 -12.43
C GLY A 22 0.87 4.87 -13.18
N LEU A 23 -0.38 5.25 -13.00
CA LEU A 23 -1.48 4.55 -13.67
C LEU A 23 -2.56 5.58 -13.93
N VAL A 24 -3.07 5.61 -15.16
CA VAL A 24 -4.15 6.52 -15.49
C VAL A 24 -5.31 5.66 -15.98
N LEU A 25 -6.43 5.73 -15.27
CA LEU A 25 -7.62 4.99 -15.64
C LEU A 25 -8.66 5.95 -16.21
N GLY A 26 -9.52 5.44 -17.06
CA GLY A 26 -10.55 6.28 -17.66
C GLY A 26 -11.89 5.58 -17.66
N LYS A 27 -12.81 5.53 -17.70
CA LYS A 27 -14.05 4.84 -17.33
C LYS A 27 -15.32 5.44 -17.91
N ARG A 28 -16.03 4.62 -18.69
CA ARG A 28 -17.28 5.01 -19.30
C ARG A 28 -18.38 4.83 -18.24
N ASP A 29 -19.56 5.38 -18.50
CA ASP A 29 -20.66 5.26 -17.55
C ASP A 29 -20.43 4.12 -16.57
N GLN A 30 -20.04 2.97 -17.10
CA GLN A 30 -19.79 1.80 -16.27
C GLN A 30 -18.70 0.91 -16.88
N GLU A 31 -17.73 1.53 -17.52
CA GLU A 31 -16.63 0.80 -18.14
C GLU A 31 -15.29 1.46 -17.90
N TRP A 32 -14.39 0.58 -17.36
CA TRP A 32 -13.06 1.06 -16.99
C TRP A 32 -11.97 0.48 -17.86
N GLU A 33 -10.95 1.29 -18.14
CA GLU A 33 -9.83 0.83 -18.92
C GLU A 33 -8.56 1.55 -18.50
N ALA A 34 -7.42 0.89 -18.68
CA ALA A 34 -6.13 1.48 -18.34
C ALA A 34 -5.70 2.24 -19.59
N LEU A 35 -5.49 3.54 -19.46
CA LEU A 35 -5.09 4.38 -20.57
C LEU A 35 -3.60 4.69 -20.57
N ALA A 36 -2.95 4.45 -19.44
CA ALA A 36 -1.53 4.68 -19.33
C ALA A 36 -0.98 4.08 -18.04
N PHE A 37 0.28 3.64 -18.10
CA PHE A 37 0.93 3.09 -16.92
C PHE A 37 2.42 3.01 -17.13
N SER A 38 3.18 3.20 -16.07
CA SER A 38 4.62 3.14 -16.15
C SER A 38 5.24 3.07 -14.75
N SER A 39 6.54 2.83 -14.71
CA SER A 39 7.30 2.74 -13.48
C SER A 39 8.65 3.41 -13.71
N VAL A 40 9.07 4.25 -12.78
CA VAL A 40 10.36 4.92 -12.86
C VAL A 40 11.07 4.67 -11.54
N LYS A 41 12.39 4.58 -11.57
CA LYS A 41 13.12 4.35 -10.34
C LYS A 41 12.96 5.54 -9.41
N SER A 42 12.76 5.27 -8.12
CA SER A 42 12.61 6.34 -7.16
C SER A 42 14.00 6.91 -6.90
N ARG A 43 14.09 8.23 -6.85
CA ARG A 43 15.34 8.90 -6.57
C ARG A 43 15.03 9.96 -5.52
N GLY A 44 16.01 10.27 -4.68
CA GLY A 44 15.79 11.28 -3.65
C GLY A 44 15.08 10.74 -2.43
N LEU A 45 14.72 9.47 -2.47
CA LEU A 45 14.02 8.82 -1.37
C LEU A 45 14.93 7.82 -0.69
N ASP A 46 14.91 7.82 0.64
CA ASP A 46 15.73 6.92 1.42
C ASP A 46 14.99 6.56 2.71
N GLU A 47 14.71 5.28 2.89
CA GLU A 47 14.00 4.82 4.08
C GLU A 47 12.70 5.61 4.25
N GLY A 48 11.96 5.75 3.16
CA GLY A 48 10.69 6.46 3.22
C GLY A 48 10.78 7.96 3.40
N GLU A 49 11.99 8.50 3.46
CA GLU A 49 12.14 9.93 3.65
C GLU A 49 12.76 10.57 2.42
N ILE A 50 12.33 11.79 2.12
CA ILE A 50 12.86 12.51 0.97
C ILE A 50 14.19 13.14 1.40
N LYS A 51 15.30 12.51 1.02
CA LYS A 51 16.63 13.03 1.38
C LYS A 51 17.25 13.90 0.28
N ASP A 52 16.56 14.02 -0.85
CA ASP A 52 17.00 14.85 -1.96
C ASP A 52 15.75 15.19 -2.76
N ALA A 53 15.14 16.33 -2.43
CA ALA A 53 13.92 16.80 -3.08
C ALA A 53 14.11 17.09 -4.57
N ILE A 54 15.30 17.54 -4.93
CA ILE A 54 15.61 17.85 -6.33
C ILE A 54 15.48 16.55 -7.12
N ALA A 55 16.14 15.51 -6.65
CA ALA A 55 16.11 14.20 -7.30
C ALA A 55 14.69 13.65 -7.29
N PHE A 56 14.04 13.69 -6.13
CA PHE A 56 12.68 13.20 -5.98
C PHE A 56 11.76 13.83 -7.01
N LYS A 57 11.76 15.17 -7.07
CA LYS A 57 10.91 15.87 -8.01
C LYS A 57 11.22 15.51 -9.46
N GLU A 58 12.50 15.27 -9.78
CA GLU A 58 12.87 14.90 -11.14
C GLU A 58 12.22 13.54 -11.47
N SER A 59 12.28 12.62 -10.52
CA SER A 59 11.72 11.27 -10.69
C SER A 59 10.23 11.32 -10.99
N VAL A 60 9.50 12.10 -10.21
CA VAL A 60 8.05 12.24 -10.39
C VAL A 60 7.76 12.89 -11.74
N ASN A 61 8.53 13.91 -12.07
CA ASN A 61 8.34 14.62 -13.32
C ASN A 61 8.59 13.70 -14.53
N THR A 62 9.56 12.81 -14.40
CA THR A 62 9.88 11.87 -15.47
C THR A 62 8.70 10.92 -15.70
N LEU A 63 8.09 10.49 -14.61
CA LEU A 63 6.95 9.60 -14.70
C LEU A 63 5.77 10.33 -15.35
N LEU A 64 5.49 11.54 -14.89
CA LEU A 64 4.39 12.33 -15.43
C LEU A 64 4.55 12.52 -16.94
N LYS A 65 5.78 12.82 -17.38
CA LYS A 65 6.04 13.00 -18.80
C LYS A 65 5.78 11.70 -19.56
N GLU A 66 6.13 10.57 -18.96
CA GLU A 66 5.91 9.27 -19.61
C GLU A 66 4.43 8.98 -19.74
N LEU A 67 3.64 9.29 -18.71
CA LEU A 67 2.20 9.05 -18.77
C LEU A 67 1.57 9.97 -19.82
N GLU A 68 2.04 11.21 -19.91
CA GLU A 68 1.47 12.13 -20.89
C GLU A 68 1.85 11.70 -22.30
N GLU A 69 3.07 11.18 -22.46
CA GLU A 69 3.52 10.70 -23.76
C GLU A 69 2.62 9.54 -24.22
N GLN A 70 2.26 8.67 -23.27
CA GLN A 70 1.41 7.55 -23.61
C GLN A 70 0.00 8.00 -23.98
N LEU A 71 -0.55 8.93 -23.20
CA LEU A 71 -1.88 9.45 -23.44
C LEU A 71 -1.92 10.43 -24.62
N GLN A 72 -0.77 11.00 -24.96
CA GLN A 72 -0.68 12.01 -26.02
C GLN A 72 -1.64 13.10 -25.57
N LYS A 73 -1.58 13.41 -24.29
CA LYS A 73 -2.47 14.40 -23.71
C LYS A 73 -1.95 14.88 -22.36
N SER A 74 -2.19 16.15 -22.08
CA SER A 74 -1.79 16.77 -20.83
C SER A 74 -2.55 16.09 -19.71
N LEU A 75 -1.88 15.85 -18.59
CA LEU A 75 -2.52 15.20 -17.45
C LEU A 75 -2.75 16.23 -16.36
N ARG A 76 -3.99 16.69 -16.25
CA ARG A 76 -4.33 17.71 -15.27
C ARG A 76 -5.56 17.41 -14.42
N SER A 77 -6.06 16.18 -14.49
CA SER A 77 -7.21 15.81 -13.68
C SER A 77 -6.72 15.65 -12.24
N ASP A 78 -7.64 15.57 -11.29
CA ASP A 78 -7.26 15.42 -9.90
C ASP A 78 -6.50 14.11 -9.69
N PHE A 79 -5.37 14.20 -9.01
CA PHE A 79 -4.51 13.03 -8.73
C PHE A 79 -4.74 12.41 -7.36
N VAL A 80 -4.46 11.11 -7.26
CA VAL A 80 -4.51 10.42 -5.98
C VAL A 80 -3.09 9.87 -5.91
N ILE A 81 -2.35 10.24 -4.88
CA ILE A 81 -0.96 9.80 -4.73
C ILE A 81 -0.72 9.12 -3.39
N SER A 82 -0.09 7.94 -3.43
CA SER A 82 0.19 7.19 -2.21
C SER A 82 1.68 7.06 -1.98
N PHE A 83 2.08 6.85 -0.73
CA PHE A 83 3.47 6.68 -0.41
C PHE A 83 3.61 5.68 0.73
N SER A 84 4.80 5.08 0.85
CA SER A 84 5.08 4.10 1.91
C SER A 84 5.72 4.74 3.14
N SER A 85 5.38 4.21 4.31
CA SER A 85 5.93 4.69 5.56
C SER A 85 5.70 3.67 6.66
N VAL A 86 6.66 3.52 7.56
CA VAL A 86 6.51 2.59 8.68
C VAL A 86 5.77 3.34 9.78
N SER A 87 5.52 4.62 9.56
CA SER A 87 4.86 5.44 10.56
C SER A 87 3.34 5.51 10.52
N PHE A 88 2.72 4.80 9.60
CA PHE A 88 1.26 4.81 9.51
C PHE A 88 0.70 4.18 10.78
N GLU A 89 -0.38 4.76 11.30
CA GLU A 89 -0.98 4.29 12.53
C GLU A 89 -2.49 4.48 12.51
N ARG A 90 -3.20 3.71 13.32
CA ARG A 90 -4.65 3.82 13.41
C ARG A 90 -5.01 4.67 14.62
N GLU A 91 -5.98 5.57 14.46
CA GLU A 91 -6.38 6.44 15.57
C GLU A 91 -7.86 6.79 15.61
N ASP A 92 -8.34 7.11 16.80
CA ASP A 92 -9.73 7.50 17.02
C ASP A 92 -9.80 8.95 17.48
N THR A 93 -10.73 9.69 16.89
CA THR A 93 -10.90 11.10 17.22
C THR A 93 -12.40 11.38 17.40
N VAL A 94 -12.74 12.08 18.48
CA VAL A 94 -14.13 12.41 18.76
C VAL A 94 -14.36 13.91 18.85
N ILE A 95 -15.40 14.36 18.16
CA ILE A 95 -15.79 15.76 18.14
C ILE A 95 -17.25 15.81 18.56
N GLU A 96 -17.61 16.80 19.36
CA GLU A 96 -18.99 16.94 19.81
C GLU A 96 -19.49 18.36 19.66
N ARG A 97 -20.78 18.48 19.37
CA ARG A 97 -21.39 19.79 19.23
C ARG A 97 -22.74 19.72 19.93
N ASP A 98 -22.97 20.65 20.86
CA ASP A 98 -24.19 20.67 21.63
C ASP A 98 -25.03 21.91 21.33
N PHE A 99 -26.26 21.67 20.90
CA PHE A 99 -27.18 22.75 20.55
C PHE A 99 -28.17 23.03 21.68
N GLY A 100 -28.22 22.16 22.68
CA GLY A 100 -29.12 22.38 23.79
C GLY A 100 -30.43 21.60 23.75
N GLU A 101 -31.52 22.28 24.06
CA GLU A 101 -32.85 21.65 24.08
C GLU A 101 -33.54 21.72 22.72
N GLU A 102 -33.30 22.79 21.98
CA GLU A 102 -33.91 22.99 20.68
C GLU A 102 -33.15 22.21 19.61
N LYS A 103 -33.69 21.06 19.22
CA LYS A 103 -33.07 20.20 18.22
C LYS A 103 -32.91 20.91 16.88
N ARG A 104 -31.75 20.68 16.25
CA ARG A 104 -31.45 21.29 14.97
C ARG A 104 -31.24 20.25 13.87
N SER A 105 -31.30 20.71 12.62
CA SER A 105 -31.11 19.83 11.48
C SER A 105 -29.61 19.72 11.20
N ILE A 106 -29.11 18.49 11.14
CA ILE A 106 -27.70 18.27 10.86
C ILE A 106 -27.50 18.46 9.37
N THR A 107 -26.68 19.44 8.99
CA THR A 107 -26.42 19.74 7.59
C THR A 107 -24.98 19.44 7.17
N LEU A 108 -24.70 19.60 5.89
CA LEU A 108 -23.36 19.35 5.37
C LEU A 108 -22.34 20.33 5.93
N ASP A 109 -22.75 21.59 6.13
CA ASP A 109 -21.83 22.59 6.66
C ASP A 109 -21.39 22.29 8.08
N ILE A 110 -22.32 21.86 8.92
CA ILE A 110 -21.97 21.51 10.29
C ILE A 110 -21.05 20.29 10.29
N LEU A 111 -21.34 19.32 9.44
CA LEU A 111 -20.51 18.13 9.37
C LEU A 111 -19.12 18.51 8.88
N SER A 112 -19.05 19.38 7.87
CA SER A 112 -17.78 19.82 7.34
C SER A 112 -16.99 20.57 8.41
N GLU A 113 -17.69 21.38 9.21
CA GLU A 113 -17.05 22.13 10.28
C GLU A 113 -16.52 21.20 11.36
N MET A 114 -17.29 20.19 11.72
CA MET A 114 -16.86 19.26 12.75
C MET A 114 -15.67 18.43 12.28
N GLN A 115 -15.62 18.07 11.00
CA GLN A 115 -14.48 17.30 10.53
C GLN A 115 -13.23 18.16 10.65
N SER A 116 -13.38 19.45 10.37
CA SER A 116 -12.27 20.39 10.45
C SER A 116 -11.72 20.39 11.87
N GLU A 117 -12.61 20.32 12.85
CA GLU A 117 -12.21 20.29 14.26
C GLU A 117 -11.41 19.02 14.53
N ALA A 118 -11.80 17.93 13.87
CA ALA A 118 -11.10 16.65 14.04
C ALA A 118 -9.71 16.77 13.43
N LEU A 119 -9.65 17.40 12.26
CA LEU A 119 -8.38 17.58 11.57
C LEU A 119 -7.44 18.43 12.40
N GLU A 120 -7.99 19.49 13.02
CA GLU A 120 -7.19 20.37 13.86
C GLU A 120 -6.67 19.64 15.08
N LYS A 121 -7.54 18.86 15.72
CA LYS A 121 -7.17 18.11 16.91
C LYS A 121 -6.00 17.16 16.62
N LEU A 122 -6.10 16.42 15.51
CA LEU A 122 -5.03 15.50 15.15
C LEU A 122 -3.74 16.28 14.88
N LYS A 123 -3.88 17.38 14.16
CA LYS A 123 -2.74 18.23 13.82
C LYS A 123 -2.01 18.68 15.07
N GLU A 124 -2.77 19.07 16.10
CA GLU A 124 -2.17 19.51 17.35
C GLU A 124 -1.41 18.38 18.03
N ASN A 125 -1.79 17.15 17.72
CA ASN A 125 -1.12 15.99 18.29
C ASN A 125 -0.07 15.46 17.32
N GLY A 126 0.35 16.32 16.39
CA GLY A 126 1.37 15.96 15.42
C GLY A 126 0.99 14.91 14.40
N LYS A 127 -0.28 14.84 14.03
CA LYS A 127 -0.71 13.84 13.07
C LYS A 127 -1.68 14.35 12.00
N THR A 128 -1.61 13.72 10.83
CA THR A 128 -2.46 14.06 9.70
C THR A 128 -3.15 12.79 9.22
N PRO A 129 -4.47 12.81 9.08
CA PRO A 129 -5.19 11.62 8.63
C PRO A 129 -5.13 11.48 7.11
N LEU A 130 -4.85 10.27 6.63
CA LEU A 130 -4.79 10.01 5.20
C LEU A 130 -6.07 9.27 4.78
N HIS A 131 -6.63 8.53 5.73
CA HIS A 131 -7.85 7.79 5.46
C HIS A 131 -8.78 7.88 6.64
N ILE A 132 -9.98 8.41 6.43
CA ILE A 132 -10.97 8.47 7.50
C ILE A 132 -11.95 7.41 7.03
N PHE A 133 -11.67 6.16 7.39
CA PHE A 133 -12.46 5.02 6.95
C PHE A 133 -13.69 4.67 7.76
N SER A 134 -13.92 5.36 8.86
CA SER A 134 -15.09 5.07 9.68
C SER A 134 -15.59 6.31 10.39
N LYS A 135 -16.90 6.53 10.35
CA LYS A 135 -17.53 7.66 11.01
C LYS A 135 -18.83 7.22 11.67
N ARG A 136 -18.90 7.37 12.99
CA ARG A 136 -20.08 7.00 13.76
C ARG A 136 -20.66 8.26 14.37
N TYR A 137 -21.96 8.47 14.20
CA TYR A 137 -22.60 9.67 14.71
C TYR A 137 -23.59 9.41 15.84
N LEU A 138 -23.19 9.77 17.05
CA LEU A 138 -24.03 9.60 18.24
C LEU A 138 -24.92 10.84 18.36
N LEU A 139 -26.23 10.64 18.25
CA LEU A 139 -27.20 11.73 18.33
C LEU A 139 -27.95 11.76 19.66
N ASP A 140 -27.95 12.93 20.30
CA ASP A 140 -28.61 13.16 21.58
C ASP A 140 -28.15 12.14 22.63
N ASP A 141 -26.86 11.85 22.65
CA ASP A 141 -26.28 10.89 23.58
C ASP A 141 -27.12 9.63 23.61
N GLU A 142 -27.90 9.42 22.56
CA GLU A 142 -28.80 8.29 22.51
C GLU A 142 -28.49 7.27 21.39
N ARG A 143 -29.09 7.45 20.22
CA ARG A 143 -28.88 6.48 19.14
C ARG A 143 -27.73 6.82 18.19
N ILE A 144 -27.20 5.79 17.56
CA ILE A 144 -26.09 5.93 16.62
C ILE A 144 -26.57 5.70 15.19
N VAL A 145 -26.16 6.60 14.29
CA VAL A 145 -26.52 6.49 12.88
C VAL A 145 -25.26 6.50 12.03
N PHE A 146 -25.38 6.09 10.77
CA PHE A 146 -24.23 6.04 9.88
C PHE A 146 -24.12 7.28 8.99
N ASN A 147 -25.21 8.03 8.92
CA ASN A 147 -25.26 9.26 8.15
C ASN A 147 -26.30 10.13 8.86
N PRO A 148 -25.88 11.25 9.45
CA PRO A 148 -26.80 12.13 10.18
C PRO A 148 -27.56 13.17 9.35
N LEU A 149 -27.25 13.29 8.07
CA LEU A 149 -27.92 14.28 7.23
C LEU A 149 -29.44 14.13 7.23
N ASP A 150 -30.13 15.27 7.14
CA ASP A 150 -31.60 15.31 7.14
C ASP A 150 -32.24 14.93 8.46
N MET A 151 -31.41 14.63 9.47
CA MET A 151 -31.93 14.28 10.77
C MET A 151 -31.79 15.45 11.73
N LYS A 152 -32.65 15.51 12.73
CA LYS A 152 -32.61 16.60 13.70
C LYS A 152 -32.15 16.12 15.07
N ALA A 153 -31.21 16.85 15.65
CA ALA A 153 -30.70 16.50 16.97
C ALA A 153 -30.35 17.75 17.76
N SER A 154 -30.38 17.63 19.08
CA SER A 154 -30.05 18.76 19.93
C SER A 154 -28.57 18.65 20.28
N LYS A 155 -27.98 17.49 19.99
CA LYS A 155 -26.57 17.25 20.27
C LYS A 155 -26.04 16.17 19.33
N ILE A 156 -24.79 16.35 18.89
CA ILE A 156 -24.17 15.38 17.99
C ILE A 156 -22.70 15.18 18.32
N ALA A 157 -22.31 13.92 18.40
CA ALA A 157 -20.93 13.54 18.67
C ALA A 157 -20.52 12.65 17.51
N ILE A 158 -19.31 12.84 17.00
CA ILE A 158 -18.84 12.05 15.88
C ILE A 158 -17.49 11.42 16.21
N GLU A 159 -17.38 10.12 15.93
CA GLU A 159 -16.14 9.43 16.17
C GLU A 159 -15.53 9.11 14.81
N TYR A 160 -14.35 9.66 14.55
CA TYR A 160 -13.68 9.41 13.28
C TYR A 160 -12.55 8.42 13.52
N THR A 161 -12.52 7.33 12.77
CA THR A 161 -11.42 6.36 12.91
C THR A 161 -10.61 6.51 11.63
N SER A 162 -9.29 6.58 11.76
CA SER A 162 -8.47 6.77 10.58
C SER A 162 -7.06 6.22 10.63
N ILE A 163 -6.39 6.27 9.48
CA ILE A 163 -5.01 5.85 9.35
C ILE A 163 -4.30 7.19 9.25
N VAL A 164 -3.37 7.43 10.16
CA VAL A 164 -2.63 8.69 10.19
C VAL A 164 -1.15 8.50 10.00
N VAL A 165 -0.47 9.62 9.76
CA VAL A 165 0.96 9.66 9.54
C VAL A 165 1.43 10.93 10.25
N PRO A 166 2.70 10.96 10.71
CA PRO A 166 3.19 12.17 11.37
C PRO A 166 3.01 13.38 10.46
N LEU A 167 2.69 14.52 11.05
CA LEU A 167 2.49 15.75 10.29
C LEU A 167 3.71 16.10 9.42
N LYS A 168 4.91 15.96 9.97
CA LYS A 168 6.13 16.28 9.22
C LYS A 168 6.27 15.41 7.97
N VAL A 169 5.94 14.13 8.09
CA VAL A 169 6.03 13.24 6.95
C VAL A 169 5.05 13.74 5.88
N TYR A 170 3.79 13.91 6.28
CA TYR A 170 2.76 14.39 5.37
C TYR A 170 3.18 15.67 4.66
N GLU A 171 3.64 16.65 5.43
CA GLU A 171 4.04 17.93 4.87
C GLU A 171 5.17 17.88 3.84
N MET A 172 6.13 16.98 4.06
CA MET A 172 7.24 16.86 3.12
C MET A 172 6.73 16.41 1.75
N PHE A 173 5.96 15.33 1.73
CA PHE A 173 5.44 14.84 0.46
C PHE A 173 4.49 15.85 -0.19
N TYR A 174 3.59 16.41 0.61
CA TYR A 174 2.63 17.36 0.06
C TYR A 174 3.33 18.58 -0.56
N ASN A 175 4.26 19.15 0.18
CA ASN A 175 4.99 20.32 -0.28
C ASN A 175 5.71 20.08 -1.61
N PHE A 176 6.52 19.03 -1.66
CA PHE A 176 7.29 18.70 -2.86
C PHE A 176 6.49 18.22 -4.07
N LEU A 177 5.39 17.52 -3.82
CA LEU A 177 4.54 17.05 -4.93
C LEU A 177 3.77 18.21 -5.53
N GLN A 178 3.32 19.11 -4.66
CA GLN A 178 2.55 20.28 -5.08
C GLN A 178 3.29 21.08 -6.14
N ASP A 179 4.60 21.04 -6.11
CA ASP A 179 5.42 21.78 -7.06
C ASP A 179 5.57 21.03 -8.39
N THR A 180 5.57 19.69 -8.32
CA THR A 180 5.72 18.87 -9.51
C THR A 180 4.38 18.56 -10.16
N VAL A 181 3.44 18.09 -9.36
CA VAL A 181 2.10 17.77 -9.84
C VAL A 181 1.28 19.05 -9.78
N LYS A 182 1.40 19.87 -10.82
CA LYS A 182 0.69 21.13 -10.88
C LYS A 182 -0.78 20.86 -11.13
N SER A 183 -1.40 20.19 -10.16
CA SER A 183 -2.81 19.82 -10.24
C SER A 183 -3.21 19.37 -8.83
N PRO A 184 -4.49 19.54 -8.45
CA PRO A 184 -4.92 19.12 -7.11
C PRO A 184 -4.69 17.64 -6.90
N PHE A 185 -4.40 17.25 -5.66
CA PHE A 185 -4.17 15.85 -5.36
C PHE A 185 -4.45 15.52 -3.90
N GLN A 186 -4.68 14.24 -3.66
CA GLN A 186 -4.95 13.73 -2.32
C GLN A 186 -3.90 12.67 -2.01
N LEU A 187 -3.29 12.75 -0.83
CA LEU A 187 -2.27 11.78 -0.42
C LEU A 187 -2.87 10.59 0.33
N LYS A 188 -2.35 9.39 0.07
CA LYS A 188 -2.87 8.19 0.74
C LYS A 188 -1.75 7.26 1.21
N SER A 189 -2.13 6.26 1.99
CA SER A 189 -1.17 5.27 2.48
C SER A 189 -1.05 4.17 1.43
N SER A 190 0.17 3.86 1.02
CA SER A 190 0.36 2.83 0.02
C SER A 190 -0.17 1.48 0.54
N LEU A 191 0.03 1.22 1.82
CA LEU A 191 -0.42 -0.03 2.42
C LEU A 191 -1.94 -0.13 2.39
N VAL A 192 -2.62 0.95 2.76
CA VAL A 192 -4.08 0.94 2.72
C VAL A 192 -4.57 0.76 1.28
N SER A 193 -4.02 1.53 0.36
CA SER A 193 -4.44 1.43 -1.05
C SER A 193 -4.16 0.06 -1.62
N THR A 194 -3.09 -0.58 -1.18
CA THR A 194 -2.76 -1.92 -1.64
C THR A 194 -3.88 -2.86 -1.23
N ALA A 195 -4.29 -2.78 0.04
CA ALA A 195 -5.37 -3.64 0.55
C ALA A 195 -6.65 -3.39 -0.24
N GLU A 196 -6.96 -2.12 -0.49
CA GLU A 196 -8.16 -1.76 -1.24
C GLU A 196 -8.10 -2.25 -2.68
N GLY A 197 -6.88 -2.35 -3.21
CA GLY A 197 -6.71 -2.80 -4.57
C GLY A 197 -6.70 -4.31 -4.77
N VAL A 198 -6.56 -5.09 -3.70
CA VAL A 198 -6.48 -6.55 -3.85
C VAL A 198 -7.53 -7.38 -3.10
N LEU A 199 -8.08 -6.86 -2.03
CA LEU A 199 -9.05 -7.63 -1.24
C LEU A 199 -10.45 -7.67 -1.82
N THR A 200 -11.19 -8.73 -1.50
CA THR A 200 -12.57 -8.86 -1.95
C THR A 200 -13.42 -8.35 -0.79
N THR A 201 -14.65 -7.97 -1.08
CA THR A 201 -15.51 -7.45 -0.03
C THR A 201 -15.72 -8.48 1.08
N PRO A 202 -15.95 -9.75 0.71
CA PRO A 202 -16.15 -10.75 1.76
C PRO A 202 -14.91 -10.86 2.66
N GLU A 203 -13.72 -10.74 2.06
CA GLU A 203 -12.48 -10.80 2.83
C GLU A 203 -12.40 -9.63 3.80
N LYS A 204 -12.68 -8.42 3.30
CA LYS A 204 -12.65 -7.24 4.15
C LYS A 204 -13.70 -7.28 5.25
N ASP A 205 -14.82 -7.92 4.98
CA ASP A 205 -15.88 -8.00 5.97
C ASP A 205 -15.64 -9.07 7.03
N ARG A 206 -15.35 -10.28 6.59
CA ARG A 206 -15.15 -11.39 7.54
C ARG A 206 -13.80 -11.51 8.24
N GLY A 207 -12.74 -10.92 7.68
CA GLY A 207 -11.44 -11.01 8.34
C GLY A 207 -10.31 -11.49 7.42
N VAL A 208 -9.28 -10.65 7.24
CA VAL A 208 -8.16 -11.00 6.38
C VAL A 208 -6.93 -10.16 6.71
N VAL A 209 -5.74 -10.68 6.37
CA VAL A 209 -4.49 -9.97 6.62
C VAL A 209 -3.71 -9.78 5.32
N VAL A 210 -3.19 -8.57 5.10
CA VAL A 210 -2.40 -8.28 3.92
C VAL A 210 -0.94 -8.12 4.36
N VAL A 211 -0.04 -8.78 3.64
CA VAL A 211 1.38 -8.68 3.96
C VAL A 211 2.05 -8.09 2.72
N ASN A 212 2.52 -6.84 2.83
CA ASN A 212 3.15 -6.21 1.68
C ASN A 212 4.66 -6.37 1.73
N LEU A 213 5.17 -7.22 0.85
CA LEU A 213 6.60 -7.51 0.79
C LEU A 213 7.36 -6.43 0.03
N GLY A 214 7.50 -5.28 0.68
CA GLY A 214 8.19 -4.13 0.11
C GLY A 214 9.70 -4.27 0.19
N TYR A 215 10.39 -3.26 -0.34
CA TYR A 215 11.83 -3.25 -0.39
C TYR A 215 12.52 -3.05 0.95
N ASN A 216 12.22 -1.94 1.62
CA ASN A 216 12.86 -1.63 2.91
C ASN A 216 12.24 -2.35 4.09
N PHE A 217 10.96 -2.65 4.00
CA PHE A 217 10.27 -3.32 5.09
C PHE A 217 9.01 -3.99 4.60
N THR A 218 8.38 -4.74 5.50
CA THR A 218 7.17 -5.48 5.17
C THR A 218 5.98 -4.86 5.90
N GLY A 219 5.02 -4.33 5.14
CA GLY A 219 3.85 -3.72 5.73
C GLY A 219 2.81 -4.75 6.12
N LEU A 220 2.10 -4.49 7.20
CA LEU A 220 1.08 -5.40 7.69
C LEU A 220 -0.20 -4.65 7.99
N ILE A 221 -1.31 -5.12 7.43
CA ILE A 221 -2.60 -4.48 7.69
C ILE A 221 -3.69 -5.56 7.72
N ALA A 222 -4.63 -5.42 8.66
CA ALA A 222 -5.70 -6.38 8.79
C ALA A 222 -7.05 -5.69 8.69
N TYR A 223 -8.00 -6.35 8.04
CA TYR A 223 -9.35 -5.82 7.87
C TYR A 223 -10.38 -6.73 8.54
N LYS A 224 -11.48 -6.13 8.97
CA LYS A 224 -12.59 -6.83 9.59
C LYS A 224 -13.76 -5.86 9.55
N ASN A 225 -14.95 -6.34 9.18
CA ASN A 225 -16.12 -5.49 9.11
C ASN A 225 -15.93 -4.38 8.07
N GLY A 226 -15.15 -4.67 7.03
CA GLY A 226 -14.92 -3.72 5.95
C GLY A 226 -13.84 -2.67 6.12
N VAL A 227 -13.21 -2.60 7.28
CA VAL A 227 -12.19 -1.57 7.50
C VAL A 227 -10.93 -2.09 8.18
N PRO A 228 -9.84 -1.28 8.15
CA PRO A 228 -8.58 -1.66 8.79
C PRO A 228 -8.80 -1.75 10.30
N ILE A 229 -8.37 -2.83 10.92
CA ILE A 229 -8.53 -2.96 12.37
C ILE A 229 -7.16 -2.95 13.03
N LYS A 230 -6.11 -3.17 12.25
CA LYS A 230 -4.76 -3.17 12.79
C LYS A 230 -3.77 -2.90 11.66
N ILE A 231 -2.71 -2.17 11.97
CA ILE A 231 -1.71 -1.86 10.97
C ILE A 231 -0.33 -1.86 11.66
N SER A 232 0.66 -2.43 10.97
CA SER A 232 2.00 -2.49 11.53
C SER A 232 3.01 -2.80 10.44
N TYR A 233 4.18 -3.26 10.84
CA TYR A 233 5.23 -3.58 9.88
C TYR A 233 6.34 -4.39 10.53
N VAL A 234 7.17 -5.00 9.69
CA VAL A 234 8.33 -5.77 10.12
C VAL A 234 9.46 -5.04 9.40
N PRO A 235 10.48 -4.58 10.15
CA PRO A 235 11.61 -3.85 9.56
C PRO A 235 12.61 -4.66 8.73
N VAL A 236 12.09 -5.61 7.95
CA VAL A 236 12.90 -6.46 7.09
C VAL A 236 12.15 -6.58 5.77
N GLY A 237 12.85 -6.38 4.65
CA GLY A 237 12.19 -6.47 3.35
C GLY A 237 13.03 -7.13 2.25
N MET A 238 12.62 -6.96 1.00
CA MET A 238 13.33 -7.58 -0.11
C MET A 238 14.77 -7.06 -0.24
N LYS A 239 15.01 -5.86 0.31
CA LYS A 239 16.36 -5.29 0.26
C LYS A 239 17.31 -6.26 0.99
N HIS A 240 16.84 -6.81 2.11
CA HIS A 240 17.66 -7.73 2.89
C HIS A 240 17.88 -9.06 2.19
N VAL A 241 16.91 -9.49 1.39
CA VAL A 241 17.03 -10.73 0.65
C VAL A 241 18.14 -10.54 -0.39
N ILE A 242 18.11 -9.41 -1.07
CA ILE A 242 19.10 -9.11 -2.08
C ILE A 242 20.49 -8.97 -1.45
N LYS A 243 20.56 -8.25 -0.34
CA LYS A 243 21.83 -8.05 0.35
C LYS A 243 22.43 -9.39 0.77
N ASP A 244 21.59 -10.28 1.29
CA ASP A 244 22.04 -11.61 1.71
C ASP A 244 22.68 -12.35 0.55
N VAL A 245 21.98 -12.40 -0.59
CA VAL A 245 22.49 -13.10 -1.76
C VAL A 245 23.82 -12.46 -2.20
N SER A 246 23.86 -11.13 -2.17
CA SER A 246 25.05 -10.40 -2.57
C SER A 246 26.26 -10.79 -1.72
N ALA A 247 26.04 -10.86 -0.41
CA ALA A 247 27.12 -11.19 0.53
C ALA A 247 27.60 -12.64 0.42
N VAL A 248 26.67 -13.59 0.45
CA VAL A 248 27.04 -14.99 0.36
C VAL A 248 27.70 -15.38 -0.96
N LEU A 249 27.18 -14.89 -2.07
CA LEU A 249 27.76 -15.23 -3.38
C LEU A 249 28.86 -14.28 -3.80
N ASP A 250 29.07 -13.23 -3.00
CA ASP A 250 30.05 -12.19 -3.29
C ASP A 250 29.87 -11.63 -4.70
N THR A 251 28.75 -10.96 -4.91
CA THR A 251 28.49 -10.36 -6.20
C THR A 251 27.79 -9.03 -5.96
N SER A 252 27.46 -8.33 -7.04
CA SER A 252 26.81 -7.03 -6.94
C SER A 252 25.34 -7.11 -6.55
N PHE A 253 24.78 -5.95 -6.21
CA PHE A 253 23.37 -5.87 -5.86
C PHE A 253 22.57 -6.23 -7.11
N GLU A 254 23.01 -5.68 -8.25
CA GLU A 254 22.34 -5.92 -9.53
C GLU A 254 22.34 -7.40 -9.95
N GLU A 255 23.48 -8.09 -9.79
CA GLU A 255 23.53 -9.51 -10.15
C GLU A 255 22.71 -10.35 -9.19
N SER A 256 22.73 -9.98 -7.91
CA SER A 256 21.95 -10.71 -6.91
C SER A 256 20.47 -10.64 -7.23
N GLU A 257 19.99 -9.46 -7.58
CA GLU A 257 18.57 -9.34 -7.88
C GLU A 257 18.22 -10.05 -9.18
N ARG A 258 19.16 -10.07 -10.12
CA ARG A 258 18.95 -10.75 -11.40
C ARG A 258 18.84 -12.26 -11.14
N LEU A 259 19.69 -12.77 -10.25
CA LEU A 259 19.68 -14.18 -9.91
C LEU A 259 18.37 -14.54 -9.20
N ILE A 260 17.95 -13.69 -8.28
CA ILE A 260 16.73 -13.90 -7.53
C ILE A 260 15.52 -13.94 -8.45
N ILE A 261 15.42 -12.96 -9.34
CA ILE A 261 14.29 -12.90 -10.26
C ILE A 261 14.29 -14.03 -11.27
N THR A 262 15.47 -14.36 -11.82
CA THR A 262 15.55 -15.41 -12.83
C THR A 262 15.69 -16.85 -12.35
N HIS A 263 16.31 -17.08 -11.19
CA HIS A 263 16.50 -18.45 -10.69
C HIS A 263 16.06 -18.66 -9.24
N GLY A 264 15.59 -17.59 -8.61
CA GLY A 264 15.18 -17.69 -7.22
C GLY A 264 13.88 -18.41 -6.96
N ASN A 265 13.80 -19.03 -5.79
CA ASN A 265 12.60 -19.74 -5.40
C ASN A 265 12.49 -19.64 -3.89
N ALA A 266 11.27 -19.49 -3.38
CA ALA A 266 11.07 -19.39 -1.94
C ALA A 266 11.19 -20.76 -1.28
N VAL A 267 11.01 -21.81 -2.08
CA VAL A 267 11.08 -23.20 -1.61
C VAL A 267 12.28 -23.87 -2.28
N TYR A 268 13.21 -24.40 -1.49
CA TYR A 268 14.42 -25.01 -2.03
C TYR A 268 14.57 -26.51 -1.85
N ASN A 269 13.86 -27.07 -0.87
CA ASN A 269 13.99 -28.49 -0.54
C ASN A 269 13.69 -29.53 -1.62
N ASP A 270 13.05 -29.13 -2.71
CA ASP A 270 12.74 -30.09 -3.78
C ASP A 270 13.40 -29.68 -5.11
N LEU A 271 14.26 -28.68 -5.07
CA LEU A 271 14.92 -28.22 -6.28
C LEU A 271 15.92 -29.21 -6.83
N LYS A 272 15.82 -29.49 -8.12
CA LYS A 272 16.74 -30.42 -8.77
C LYS A 272 18.06 -29.72 -9.01
N GLU A 273 19.12 -30.50 -9.23
CA GLU A 273 20.44 -29.92 -9.47
C GLU A 273 20.46 -29.02 -10.69
N GLU A 274 21.04 -27.84 -10.52
CA GLU A 274 21.10 -26.89 -11.62
C GLU A 274 22.15 -25.82 -11.33
N GLU A 275 23.32 -25.97 -11.94
CA GLU A 275 24.39 -24.99 -11.76
C GLU A 275 24.03 -23.71 -12.52
N ILE A 276 24.35 -22.57 -11.93
CA ILE A 276 24.08 -21.29 -12.56
C ILE A 276 25.30 -20.39 -12.40
N GLN A 277 25.69 -19.72 -13.49
CA GLN A 277 26.85 -18.83 -13.47
C GLN A 277 26.46 -17.38 -13.25
N TYR A 278 27.35 -16.61 -12.65
CA TYR A 278 27.10 -15.19 -12.43
C TYR A 278 28.43 -14.44 -12.37
N ARG A 279 28.36 -13.13 -12.58
CA ARG A 279 29.56 -12.29 -12.58
C ARG A 279 29.94 -11.76 -11.21
N GLY A 280 31.24 -11.71 -10.95
CA GLY A 280 31.72 -11.19 -9.68
C GLY A 280 31.67 -9.68 -9.66
N LEU A 281 32.15 -9.09 -8.57
CA LEU A 281 32.14 -7.62 -8.43
C LEU A 281 32.91 -6.90 -9.54
N ASP A 282 33.94 -7.53 -10.09
CA ASP A 282 34.71 -6.89 -11.15
C ASP A 282 34.00 -6.95 -12.49
N GLY A 283 32.82 -7.57 -12.48
CA GLY A 283 32.04 -7.68 -13.70
C GLY A 283 32.67 -8.49 -14.81
N ASN A 284 33.67 -9.31 -14.47
CA ASN A 284 34.35 -10.14 -15.47
C ASN A 284 34.52 -11.59 -15.01
N THR A 285 34.89 -11.77 -13.75
CA THR A 285 35.09 -13.12 -13.21
C THR A 285 33.76 -13.86 -13.17
N ILE A 286 33.77 -15.09 -13.68
CA ILE A 286 32.56 -15.89 -13.67
C ILE A 286 32.61 -16.80 -12.46
N LYS A 287 31.52 -16.81 -11.68
CA LYS A 287 31.41 -17.66 -10.51
C LYS A 287 30.25 -18.63 -10.71
N THR A 288 30.20 -19.67 -9.89
CA THR A 288 29.17 -20.67 -9.99
C THR A 288 28.47 -20.99 -8.68
N THR A 289 27.17 -21.25 -8.77
CA THR A 289 26.37 -21.64 -7.62
C THR A 289 25.29 -22.55 -8.19
N THR A 290 24.27 -22.86 -7.41
CA THR A 290 23.18 -23.70 -7.91
C THR A 290 21.85 -23.06 -7.52
N ALA A 291 20.80 -23.41 -8.25
CA ALA A 291 19.48 -22.88 -7.96
C ALA A 291 19.12 -23.21 -6.51
N LYS A 292 19.56 -24.37 -6.04
CA LYS A 292 19.25 -24.76 -4.67
C LYS A 292 20.00 -23.90 -3.64
N LYS A 293 21.31 -23.72 -3.83
CA LYS A 293 22.09 -22.92 -2.91
C LYS A 293 21.55 -21.48 -2.91
N LEU A 294 21.18 -20.98 -4.08
CA LEU A 294 20.63 -19.63 -4.17
C LEU A 294 19.35 -19.55 -3.36
N SER A 295 18.44 -20.49 -3.57
CA SER A 295 17.17 -20.50 -2.85
C SER A 295 17.31 -20.68 -1.34
N VAL A 296 18.32 -21.40 -0.91
CA VAL A 296 18.53 -21.58 0.52
C VAL A 296 18.70 -20.21 1.17
N ILE A 297 19.41 -19.31 0.49
CA ILE A 297 19.65 -17.97 0.99
C ILE A 297 18.35 -17.16 1.00
N ILE A 298 17.62 -17.22 -0.10
CA ILE A 298 16.35 -16.52 -0.24
C ILE A 298 15.38 -17.01 0.82
N HIS A 299 15.24 -18.33 0.88
CA HIS A 299 14.36 -18.98 1.83
C HIS A 299 14.53 -18.53 3.28
N ALA A 300 15.78 -18.48 3.72
CA ALA A 300 16.09 -18.09 5.09
C ALA A 300 15.57 -16.70 5.46
N ARG A 301 15.84 -15.73 4.59
CA ARG A 301 15.39 -14.37 4.89
C ARG A 301 13.87 -14.26 4.77
N LEU A 302 13.28 -14.88 3.76
CA LEU A 302 11.83 -14.80 3.61
C LEU A 302 11.13 -15.42 4.81
N ARG A 303 11.68 -16.50 5.34
CA ARG A 303 11.04 -17.12 6.50
C ARG A 303 11.13 -16.22 7.73
N GLU A 304 12.21 -15.45 7.84
CA GLU A 304 12.35 -14.53 8.97
C GLU A 304 11.22 -13.50 8.90
N ILE A 305 10.98 -12.99 7.69
CA ILE A 305 9.92 -12.00 7.49
C ILE A 305 8.57 -12.60 7.85
N MET A 306 8.30 -13.79 7.34
CA MET A 306 7.03 -14.45 7.61
C MET A 306 6.86 -14.75 9.10
N SER A 307 7.93 -15.25 9.73
CA SER A 307 7.86 -15.58 11.15
C SER A 307 7.57 -14.34 11.99
N LYS A 308 8.27 -13.26 11.71
CA LYS A 308 8.05 -12.02 12.44
C LYS A 308 6.65 -11.48 12.12
N SER A 309 6.15 -11.81 10.93
CA SER A 309 4.82 -11.35 10.53
C SER A 309 3.74 -12.17 11.24
N LYS A 310 4.08 -13.40 11.61
CA LYS A 310 3.13 -14.28 12.27
C LYS A 310 2.68 -13.68 13.61
N LYS A 311 3.55 -12.89 14.22
CA LYS A 311 3.23 -12.25 15.49
C LYS A 311 2.00 -11.34 15.32
N PHE A 312 1.99 -10.63 14.20
CA PHE A 312 0.89 -9.71 13.86
C PHE A 312 -0.35 -10.57 13.59
N PHE A 313 -0.14 -11.64 12.86
CA PHE A 313 -1.23 -12.55 12.51
C PHE A 313 -1.95 -13.06 13.77
N ARG A 314 -1.17 -13.58 14.73
CA ARG A 314 -1.76 -14.10 15.97
C ARG A 314 -2.48 -13.03 16.79
N GLU A 315 -1.99 -11.80 16.76
CA GLU A 315 -2.65 -10.72 17.50
C GLU A 315 -4.02 -10.46 16.87
N VAL A 316 -4.07 -10.47 15.54
CA VAL A 316 -5.32 -10.26 14.83
C VAL A 316 -6.27 -11.42 15.10
N GLU A 317 -5.75 -12.63 15.01
CA GLU A 317 -6.56 -13.82 15.25
C GLU A 317 -7.16 -13.72 16.66
N ALA A 318 -6.43 -13.09 17.57
CA ALA A 318 -6.89 -12.93 18.95
C ALA A 318 -8.04 -11.94 19.03
N LYS A 319 -8.03 -10.92 18.18
CA LYS A 319 -9.08 -9.92 18.16
C LYS A 319 -10.35 -10.46 17.50
N ILE A 320 -10.24 -10.84 16.23
CA ILE A 320 -11.37 -11.39 15.49
C ILE A 320 -11.99 -12.56 16.23
N GLY A 327 -6.17 -12.86 11.00
CA GLY A 327 -7.44 -12.63 10.34
C GLY A 327 -7.96 -13.92 9.75
N ILE A 328 -8.10 -14.92 10.62
CA ILE A 328 -8.54 -16.25 10.26
C ILE A 328 -9.34 -16.51 8.97
N PRO A 329 -10.62 -16.12 8.90
CA PRO A 329 -11.41 -16.38 7.68
C PRO A 329 -10.78 -16.25 6.30
N GLY A 330 -10.34 -15.06 5.95
CA GLY A 330 -9.77 -14.84 4.62
C GLY A 330 -8.30 -15.21 4.50
N GLY A 331 -7.67 -15.58 5.62
CA GLY A 331 -6.27 -15.96 5.56
C GLY A 331 -5.37 -14.78 5.30
N VAL A 332 -4.31 -15.04 4.52
CA VAL A 332 -3.30 -14.05 4.17
C VAL A 332 -3.21 -13.75 2.69
N VAL A 333 -3.01 -12.48 2.34
CA VAL A 333 -2.85 -12.05 0.96
C VAL A 333 -1.49 -11.36 0.83
N LEU A 334 -0.60 -11.90 0.00
CA LEU A 334 0.73 -11.34 -0.17
C LEU A 334 0.74 -10.37 -1.34
N THR A 335 1.37 -9.22 -1.13
CA THR A 335 1.41 -8.19 -2.17
C THR A 335 2.81 -7.61 -2.25
N GLY A 336 3.00 -6.66 -3.15
CA GLY A 336 4.30 -6.04 -3.29
C GLY A 336 5.28 -6.84 -4.13
N GLY A 337 6.46 -6.26 -4.36
CA GLY A 337 7.48 -6.91 -5.15
C GLY A 337 7.84 -8.33 -4.73
N GLY A 338 7.87 -8.57 -3.43
CA GLY A 338 8.22 -9.90 -2.95
C GLY A 338 7.17 -10.96 -3.24
N ALA A 339 5.91 -10.56 -3.41
CA ALA A 339 4.85 -11.54 -3.68
C ALA A 339 5.10 -12.28 -4.99
N LYS A 340 6.02 -11.77 -5.80
CA LYS A 340 6.35 -12.36 -7.10
C LYS A 340 7.38 -13.48 -7.06
N ILE A 341 8.02 -13.69 -5.91
CA ILE A 341 9.03 -14.74 -5.81
C ILE A 341 8.30 -16.09 -5.95
N PRO A 342 8.77 -16.95 -6.87
CA PRO A 342 8.13 -18.25 -7.07
C PRO A 342 7.89 -19.05 -5.79
N ARG A 343 6.66 -19.54 -5.65
CA ARG A 343 6.22 -20.35 -4.52
C ARG A 343 6.29 -19.73 -3.13
N ILE A 344 6.32 -18.40 -3.08
CA ILE A 344 6.38 -17.76 -1.79
C ILE A 344 5.07 -18.03 -1.04
N ASN A 345 3.98 -18.29 -1.77
CA ASN A 345 2.71 -18.58 -1.09
C ASN A 345 2.79 -19.91 -0.31
N GLU A 346 3.58 -20.84 -0.83
CA GLU A 346 3.76 -22.14 -0.19
C GLU A 346 4.53 -22.01 1.12
N LEU A 347 5.56 -21.17 1.11
CA LEU A 347 6.36 -20.94 2.31
C LEU A 347 5.46 -20.23 3.32
N ALA A 348 4.74 -19.21 2.85
CA ALA A 348 3.82 -18.46 3.70
C ALA A 348 2.80 -19.39 4.38
N THR A 349 2.23 -20.28 3.59
CA THR A 349 1.24 -21.22 4.11
C THR A 349 1.82 -22.06 5.24
N GLU A 350 3.06 -22.50 5.07
CA GLU A 350 3.76 -23.30 6.06
C GLU A 350 3.93 -22.51 7.36
N VAL A 351 4.29 -21.24 7.22
CA VAL A 351 4.51 -20.39 8.37
C VAL A 351 3.23 -19.97 9.09
N PHE A 352 2.28 -19.40 8.35
CA PHE A 352 1.03 -18.96 8.97
C PHE A 352 0.02 -20.06 9.23
N LYS A 353 0.19 -21.20 8.56
CA LYS A 353 -0.73 -22.31 8.71
C LYS A 353 -2.15 -21.82 8.43
N SER A 354 -2.31 -21.13 7.30
CA SER A 354 -3.60 -20.61 6.89
C SER A 354 -3.58 -20.46 5.38
N PRO A 355 -4.75 -20.22 4.76
CA PRO A 355 -4.73 -20.06 3.31
C PRO A 355 -3.94 -18.80 2.95
N VAL A 356 -3.21 -18.84 1.84
CA VAL A 356 -2.43 -17.68 1.40
C VAL A 356 -2.61 -17.53 -0.11
N ARG A 357 -2.73 -16.29 -0.57
CA ARG A 357 -2.90 -16.08 -1.99
C ARG A 357 -2.19 -14.80 -2.38
N THR A 358 -1.94 -14.66 -3.68
CA THR A 358 -1.26 -13.48 -4.20
C THR A 358 -2.29 -12.39 -4.44
N GLY A 359 -1.96 -11.17 -4.04
CA GLY A 359 -2.90 -10.08 -4.26
C GLY A 359 -2.52 -9.22 -5.46
N CYS A 360 -3.49 -8.94 -6.30
CA CYS A 360 -3.31 -8.08 -7.46
C CYS A 360 -4.72 -7.58 -7.80
N TYR A 361 -4.81 -6.50 -8.56
CA TYR A 361 -6.13 -5.95 -8.88
C TYR A 361 -7.04 -6.95 -9.58
N ALA A 362 -6.46 -7.70 -10.51
CA ALA A 362 -7.24 -8.68 -11.28
C ALA A 362 -7.99 -9.70 -10.42
N ASN A 363 -7.42 -10.04 -9.27
CA ASN A 363 -8.06 -11.03 -8.40
C ASN A 363 -8.87 -10.45 -7.25
N SER A 364 -9.02 -9.14 -7.22
CA SER A 364 -9.84 -8.50 -6.20
C SER A 364 -11.23 -8.64 -6.80
N ASP A 365 -12.21 -7.94 -6.24
CA ASP A 365 -13.56 -8.02 -6.80
C ASP A 365 -13.96 -6.63 -7.28
N ARG A 366 -12.94 -5.79 -7.53
CA ARG A 366 -13.16 -4.44 -8.02
C ARG A 366 -13.57 -4.54 -9.48
N PRO A 367 -14.10 -3.45 -10.06
CA PRO A 367 -14.53 -3.45 -11.45
C PRO A 367 -13.45 -3.91 -12.43
N SER A 368 -13.78 -4.87 -13.28
CA SER A 368 -12.84 -5.38 -14.26
C SER A 368 -12.40 -4.25 -15.17
N ILE A 369 -11.11 -4.19 -15.48
CA ILE A 369 -10.58 -3.14 -16.33
C ILE A 369 -9.98 -3.74 -17.60
N ILE A 370 -10.38 -3.20 -18.75
CA ILE A 370 -9.92 -3.71 -20.03
C ILE A 370 -8.54 -3.18 -20.45
N ASN A 371 -7.79 -4.07 -21.10
CA ASN A 371 -6.45 -3.76 -21.58
C ASN A 371 -5.56 -3.29 -20.43
N ALA A 372 -5.61 -4.00 -19.32
CA ALA A 372 -4.81 -3.68 -18.15
C ALA A 372 -4.17 -4.96 -17.62
N ASP A 373 -4.45 -6.08 -18.29
CA ASP A 373 -3.94 -7.37 -17.90
C ASP A 373 -2.53 -7.38 -17.32
N GLU A 374 -1.59 -6.74 -18.00
CA GLU A 374 -0.22 -6.71 -17.52
C GLU A 374 -0.14 -6.15 -16.11
N VAL A 375 -0.54 -4.89 -15.94
CA VAL A 375 -0.48 -4.24 -14.64
C VAL A 375 -1.55 -4.75 -13.66
N ALA A 376 -2.70 -5.16 -14.18
CA ALA A 376 -3.76 -5.65 -13.30
C ALA A 376 -3.35 -6.94 -12.59
N ASN A 377 -2.47 -7.71 -13.21
CA ASN A 377 -1.99 -8.97 -12.65
C ASN A 377 -0.68 -8.81 -11.88
N ASP A 378 -0.20 -7.57 -11.78
CA ASP A 378 1.06 -7.30 -11.10
C ASP A 378 0.85 -6.86 -9.65
N PRO A 379 1.35 -7.65 -8.69
CA PRO A 379 1.19 -7.30 -7.28
C PRO A 379 1.77 -5.94 -6.94
N SER A 380 2.75 -5.49 -7.72
CA SER A 380 3.42 -4.22 -7.50
C SER A 380 2.59 -2.99 -7.86
N PHE A 381 1.52 -3.18 -8.64
CA PHE A 381 0.65 -2.09 -9.05
C PHE A 381 -0.64 -2.03 -8.22
N ALA A 382 -0.73 -2.88 -7.20
CA ALA A 382 -1.93 -2.93 -6.37
C ALA A 382 -2.35 -1.58 -5.79
N ALA A 383 -1.40 -0.87 -5.19
CA ALA A 383 -1.69 0.44 -4.59
C ALA A 383 -2.14 1.43 -5.66
N ALA A 384 -1.48 1.40 -6.81
CA ALA A 384 -1.84 2.32 -7.90
C ALA A 384 -3.32 2.20 -8.24
N PHE A 385 -3.81 0.97 -8.32
CA PHE A 385 -5.23 0.74 -8.59
C PHE A 385 -6.07 1.11 -7.37
N GLY A 386 -5.62 0.67 -6.19
CA GLY A 386 -6.36 0.95 -4.96
C GLY A 386 -6.61 2.42 -4.71
N ASN A 387 -5.67 3.27 -5.11
CA ASN A 387 -5.80 4.71 -4.91
C ASN A 387 -7.11 5.24 -5.48
N VAL A 388 -7.49 4.72 -6.64
CA VAL A 388 -8.71 5.15 -7.31
C VAL A 388 -9.98 4.58 -6.71
N PHE A 389 -10.03 3.27 -6.57
CA PHE A 389 -11.20 2.60 -6.02
C PHE A 389 -11.32 2.66 -4.50
N ALA A 390 -10.80 3.72 -3.91
CA ALA A 390 -10.88 3.89 -2.47
C ALA A 390 -12.22 4.53 -2.16
#